data_8A5G
#
_entry.id   8A5G
#
_cell.length_a   90.345
_cell.length_b   38.827
_cell.length_c   71.988
_cell.angle_alpha   90.000
_cell.angle_beta   99.710
_cell.angle_gamma   90.000
#
_symmetry.space_group_name_H-M   'C 1 2 1'
#
loop_
_entity.id
_entity.type
_entity.pdbx_description
1 polymer 'Endonuclease III'
2 non-polymer 'IRON/SULFUR CLUSTER'
3 non-polymer 'CHLORIDE ION'
4 water water
#
_entity_poly.entity_id   1
_entity_poly.type   'polypeptide(L)'
_entity_poly.pdbx_seq_one_letter_code
;VPSRSPQASSKSRPLSEQNPPPVWFGEYLSRLRDTYAPELPPPRQFPDPLGGLIRTILSQQNTRRVAQRQWEVLTATYPQ
WEAALLDGPDGIEATLKSAGGGLSRMKADYIYGILAHLQEHHGGLSLRFLREFPHTPEGHEQARQALAALPGVGHKTVAL
VLLFDLRRPAMPVDTHMERAAKRLELVPAAWNSHKVERWYAEVMPADWETRFALHISGVRHGRDTCRSKHPLCPQCPLRE
FCPSASIFELGEAGEREPSELEW
;
_entity_poly.pdbx_strand_id   A
#
# COMPACT_ATOMS: atom_id res chain seq x y z
N SER A 12 9.51 9.08 22.83
CA SER A 12 9.53 10.46 23.31
C SER A 12 8.10 10.96 23.58
N ARG A 13 7.29 11.01 22.51
CA ARG A 13 5.89 11.42 22.58
C ARG A 13 5.22 11.09 21.25
N PRO A 14 4.04 10.47 21.24
CA PRO A 14 3.40 10.09 19.98
C PRO A 14 3.34 11.25 19.00
N LEU A 15 3.36 10.89 17.71
CA LEU A 15 3.50 11.86 16.64
C LEU A 15 2.29 12.78 16.50
N SER A 16 1.10 12.31 16.87
CA SER A 16 -0.05 13.19 16.80
C SER A 16 -0.01 14.27 17.89
N GLU A 17 0.78 14.05 18.94
CA GLU A 17 1.00 15.08 19.96
C GLU A 17 1.90 16.19 19.43
N GLN A 18 3.02 15.81 18.82
CA GLN A 18 3.98 16.78 18.27
C GLN A 18 3.42 17.55 17.08
N ASN A 19 2.37 17.05 16.42
CA ASN A 19 1.84 17.74 15.24
C ASN A 19 0.37 17.41 15.12
N PRO A 20 -0.49 18.19 15.79
CA PRO A 20 -1.92 17.85 15.82
C PRO A 20 -2.56 18.09 14.47
N PRO A 21 -3.59 17.31 14.13
CA PRO A 21 -4.29 17.49 12.86
C PRO A 21 -5.10 18.77 12.83
N PRO A 22 -5.40 19.30 11.65
CA PRO A 22 -6.11 20.58 11.57
C PRO A 22 -7.61 20.43 11.80
N VAL A 23 -8.24 21.57 12.12
CA VAL A 23 -9.69 21.59 12.32
C VAL A 23 -10.42 20.98 11.14
N TRP A 24 -9.97 21.29 9.92
CA TRP A 24 -10.64 20.86 8.69
C TRP A 24 -10.30 19.45 8.27
N PHE A 25 -9.64 18.67 9.13
CA PHE A 25 -9.17 17.34 8.74
C PHE A 25 -10.30 16.41 8.32
N GLY A 26 -11.47 16.52 8.95
CA GLY A 26 -12.60 15.72 8.52
C GLY A 26 -13.13 16.16 7.17
N GLU A 27 -13.05 17.46 6.88
CA GLU A 27 -13.48 17.96 5.58
C GLU A 27 -12.49 17.58 4.48
N TYR A 28 -11.19 17.51 4.81
CA TYR A 28 -10.22 16.94 3.89
C TYR A 28 -10.58 15.50 3.52
N LEU A 29 -10.99 14.70 4.49
CA LEU A 29 -11.39 13.32 4.18
C LEU A 29 -12.63 13.28 3.29
N SER A 30 -13.61 14.15 3.55
CA SER A 30 -14.86 14.09 2.82
C SER A 30 -14.74 14.69 1.42
N ARG A 31 -13.82 15.63 1.22
CA ARG A 31 -13.62 16.14 -0.13
C ARG A 31 -12.82 15.15 -0.96
N LEU A 32 -11.80 14.52 -0.35
CA LEU A 32 -11.05 13.47 -1.05
C LEU A 32 -11.98 12.33 -1.46
N ARG A 33 -12.84 11.87 -0.56
CA ARG A 33 -13.74 10.79 -0.89
C ARG A 33 -14.74 11.19 -1.97
N ASP A 34 -15.41 12.34 -1.77
CA ASP A 34 -16.44 12.75 -2.72
C ASP A 34 -15.85 13.00 -4.11
N THR A 35 -14.65 13.59 -4.17
CA THR A 35 -14.04 13.92 -5.47
C THR A 35 -13.43 12.72 -6.16
N TYR A 36 -12.61 11.93 -5.46
CA TYR A 36 -11.73 11.00 -6.16
C TYR A 36 -12.17 9.54 -6.07
N ALA A 37 -12.96 9.19 -5.07
CA ALA A 37 -13.44 7.81 -4.92
C ALA A 37 -14.83 7.83 -4.29
N PRO A 38 -15.81 8.45 -4.95
CA PRO A 38 -17.17 8.37 -4.42
C PRO A 38 -17.67 6.94 -4.39
N GLU A 39 -17.35 6.16 -5.43
CA GLU A 39 -17.59 4.72 -5.47
C GLU A 39 -16.29 3.98 -5.21
N LEU A 40 -16.26 3.18 -4.15
CA LEU A 40 -15.06 2.48 -3.68
C LEU A 40 -14.85 1.20 -4.48
N PRO A 41 -13.63 0.98 -4.98
CA PRO A 41 -13.31 -0.31 -5.56
C PRO A 41 -13.45 -1.40 -4.51
N PRO A 42 -13.52 -2.66 -4.92
CA PRO A 42 -13.66 -3.76 -3.95
C PRO A 42 -12.33 -4.05 -3.30
N PRO A 43 -12.31 -4.68 -2.13
CA PRO A 43 -11.05 -5.18 -1.59
C PRO A 43 -10.53 -6.33 -2.43
N ARG A 44 -9.24 -6.62 -2.26
CA ARG A 44 -8.63 -7.78 -2.90
C ARG A 44 -9.07 -9.05 -2.19
N GLN A 45 -9.73 -9.95 -2.92
CA GLN A 45 -10.16 -11.19 -2.29
CA GLN A 45 -10.19 -11.20 -2.33
C GLN A 45 -9.52 -12.38 -3.02
N PHE A 46 -8.21 -12.35 -3.15
CA PHE A 46 -7.50 -13.43 -3.80
C PHE A 46 -7.64 -14.71 -2.98
N PRO A 47 -7.37 -15.87 -3.59
CA PRO A 47 -7.49 -17.13 -2.85
C PRO A 47 -6.69 -17.17 -1.55
N ASP A 48 -5.51 -16.55 -1.50
CA ASP A 48 -4.59 -16.66 -0.37
C ASP A 48 -3.97 -15.29 -0.21
N PRO A 49 -3.79 -14.79 1.02
CA PRO A 49 -3.09 -13.49 1.15
C PRO A 49 -1.75 -13.49 0.45
N LEU A 50 -1.07 -14.64 0.30
CA LEU A 50 0.21 -14.64 -0.40
C LEU A 50 0.06 -14.14 -1.85
N GLY A 51 -1.04 -14.52 -2.51
CA GLY A 51 -1.30 -13.95 -3.82
C GLY A 51 -1.32 -12.44 -3.80
N GLY A 52 -2.00 -11.86 -2.81
CA GLY A 52 -2.13 -10.41 -2.76
C GLY A 52 -0.83 -9.70 -2.47
N LEU A 53 0.03 -10.31 -1.66
CA LEU A 53 1.35 -9.73 -1.42
C LEU A 53 2.17 -9.74 -2.71
N ILE A 54 2.20 -10.86 -3.40
CA ILE A 54 2.85 -10.90 -4.70
C ILE A 54 2.23 -9.85 -5.63
N ARG A 55 0.91 -9.75 -5.63
CA ARG A 55 0.26 -8.76 -6.50
C ARG A 55 0.74 -7.35 -6.20
N THR A 56 0.93 -7.04 -4.90
CA THR A 56 1.40 -5.71 -4.50
C THR A 56 2.84 -5.47 -4.95
N ILE A 57 3.70 -6.48 -4.77
CA ILE A 57 5.07 -6.39 -5.25
C ILE A 57 5.10 -6.11 -6.77
N LEU A 58 4.31 -6.87 -7.54
CA LEU A 58 4.27 -6.63 -9.00
C LEU A 58 3.93 -5.18 -9.30
N SER A 59 3.03 -4.60 -8.52
CA SER A 59 2.54 -3.28 -8.87
C SER A 59 3.51 -2.18 -8.48
N GLN A 60 4.52 -2.48 -7.66
CA GLN A 60 5.42 -1.45 -7.15
C GLN A 60 6.48 -1.11 -8.18
N GLN A 61 6.70 0.20 -8.37
CA GLN A 61 7.63 0.73 -9.38
C GLN A 61 7.32 0.15 -10.76
N ASN A 62 6.03 0.15 -11.10
CA ASN A 62 5.53 -0.46 -12.32
C ASN A 62 4.38 0.41 -12.83
N THR A 63 4.11 0.29 -14.13
CA THR A 63 2.84 0.78 -14.64
C THR A 63 1.75 -0.20 -14.26
N ARG A 64 0.53 0.30 -14.04
CA ARG A 64 -0.56 -0.61 -13.70
C ARG A 64 -0.86 -1.55 -14.87
N ARG A 65 -0.55 -1.11 -16.10
CA ARG A 65 -0.83 -1.92 -17.27
C ARG A 65 0.11 -3.12 -17.34
N VAL A 66 1.39 -2.91 -17.10
CA VAL A 66 2.32 -4.04 -17.04
C VAL A 66 2.06 -4.88 -15.79
N ALA A 67 1.80 -4.23 -14.64
CA ALA A 67 1.57 -4.98 -13.40
C ALA A 67 0.43 -5.98 -13.55
N GLN A 68 -0.67 -5.56 -14.19
CA GLN A 68 -1.79 -6.48 -14.38
C GLN A 68 -1.41 -7.58 -15.36
N ARG A 69 -0.63 -7.23 -16.39
CA ARG A 69 -0.16 -8.23 -17.35
C ARG A 69 0.76 -9.24 -16.67
N GLN A 70 1.72 -8.77 -15.86
CA GLN A 70 2.58 -9.72 -15.15
C GLN A 70 1.79 -10.63 -14.22
N TRP A 71 0.74 -10.11 -13.57
CA TRP A 71 -0.06 -10.98 -12.71
C TRP A 71 -0.72 -12.10 -13.53
N GLU A 72 -1.39 -11.76 -14.62
CA GLU A 72 -2.01 -12.76 -15.49
C GLU A 72 -1.00 -13.80 -15.97
N VAL A 73 0.20 -13.36 -16.35
CA VAL A 73 1.18 -14.27 -16.94
C VAL A 73 1.84 -15.11 -15.85
N LEU A 74 2.15 -14.49 -14.70
CA LEU A 74 2.73 -15.23 -13.58
C LEU A 74 1.80 -16.35 -13.08
N THR A 75 0.49 -16.08 -13.03
CA THR A 75 -0.43 -17.10 -12.52
C THR A 75 -0.88 -18.07 -13.61
N ALA A 76 -0.83 -17.67 -14.89
CA ALA A 76 -0.93 -18.66 -15.97
C ALA A 76 0.24 -19.62 -15.92
N THR A 77 1.43 -19.10 -15.64
CA THR A 77 2.64 -19.90 -15.61
C THR A 77 2.74 -20.75 -14.36
N TYR A 78 2.27 -20.25 -13.23
CA TYR A 78 2.40 -20.95 -11.95
C TYR A 78 1.01 -21.04 -11.31
N PRO A 79 0.19 -22.00 -11.75
CA PRO A 79 -1.16 -22.11 -11.18
C PRO A 79 -1.17 -22.34 -9.68
N GLN A 80 -0.12 -22.94 -9.13
CA GLN A 80 0.12 -23.02 -7.70
C GLN A 80 1.42 -22.32 -7.38
N TRP A 81 1.47 -21.59 -6.24
CA TRP A 81 2.71 -20.89 -5.90
C TRP A 81 3.84 -21.89 -5.64
N GLU A 82 3.51 -23.14 -5.33
CA GLU A 82 4.51 -24.20 -5.26
C GLU A 82 5.27 -24.36 -6.57
N ALA A 83 4.62 -24.10 -7.71
CA ALA A 83 5.31 -24.19 -8.99
C ALA A 83 6.38 -23.11 -9.12
N ALA A 84 6.10 -21.90 -8.63
CA ALA A 84 7.09 -20.83 -8.68
C ALA A 84 8.30 -21.14 -7.80
N LEU A 85 8.05 -21.74 -6.64
CA LEU A 85 9.15 -22.08 -5.75
C LEU A 85 10.11 -23.05 -6.42
N LEU A 86 9.57 -24.10 -7.04
CA LEU A 86 10.41 -25.10 -7.69
C LEU A 86 11.18 -24.52 -8.88
N ASP A 87 10.61 -23.52 -9.55
CA ASP A 87 11.26 -22.91 -10.70
C ASP A 87 12.45 -22.03 -10.30
N GLY A 88 12.53 -21.59 -9.05
CA GLY A 88 13.64 -20.79 -8.60
C GLY A 88 13.61 -19.38 -9.17
N PRO A 89 14.46 -18.51 -8.63
CA PRO A 89 14.42 -17.10 -9.05
C PRO A 89 14.70 -16.90 -10.54
N ASP A 90 15.46 -17.78 -11.18
CA ASP A 90 15.76 -17.59 -12.60
C ASP A 90 14.51 -17.78 -13.46
N GLY A 91 13.64 -18.73 -13.12
CA GLY A 91 12.46 -18.96 -13.93
C GLY A 91 11.40 -17.91 -13.71
N ILE A 92 11.28 -17.49 -12.46
CA ILE A 92 10.41 -16.37 -12.11
C ILE A 92 10.81 -15.12 -12.88
N GLU A 93 12.11 -14.79 -12.86
CA GLU A 93 12.62 -13.64 -13.61
C GLU A 93 12.29 -13.76 -15.10
N ALA A 94 12.55 -14.92 -15.68
CA ALA A 94 12.17 -15.13 -17.08
C ALA A 94 10.68 -14.87 -17.27
N THR A 95 9.84 -15.37 -16.35
CA THR A 95 8.41 -15.15 -16.49
C THR A 95 8.04 -13.68 -16.34
N LEU A 96 8.60 -12.99 -15.34
CA LEU A 96 8.30 -11.57 -15.16
C LEU A 96 8.74 -10.75 -16.37
N LYS A 97 9.95 -11.03 -16.86
CA LYS A 97 10.51 -10.29 -18.00
C LYS A 97 9.70 -10.54 -19.26
N SER A 98 9.16 -11.76 -19.44
CA SER A 98 8.38 -12.07 -20.64
C SER A 98 7.11 -11.21 -20.75
N ALA A 99 6.61 -10.63 -19.66
CA ALA A 99 5.41 -9.81 -19.73
C ALA A 99 5.73 -8.32 -19.86
N GLY A 100 7.00 -7.96 -20.00
CA GLY A 100 7.41 -6.58 -20.22
C GLY A 100 7.95 -5.85 -19.00
N GLY A 101 8.19 -6.56 -17.89
CA GLY A 101 8.63 -5.88 -16.68
C GLY A 101 10.02 -5.28 -16.82
N GLY A 102 10.27 -4.26 -16.01
CA GLY A 102 11.56 -3.60 -16.02
C GLY A 102 12.45 -3.92 -14.82
N LEU A 103 11.92 -4.60 -13.81
CA LEU A 103 12.75 -4.93 -12.64
C LEU A 103 12.72 -6.42 -12.36
N SER A 104 12.98 -7.24 -13.37
CA SER A 104 12.63 -8.64 -13.31
C SER A 104 13.56 -9.42 -12.39
N ARG A 105 14.88 -9.12 -12.43
CA ARG A 105 15.81 -9.86 -11.58
C ARG A 105 15.57 -9.55 -10.11
N MET A 106 15.42 -8.27 -9.79
CA MET A 106 15.24 -7.85 -8.40
C MET A 106 13.96 -8.42 -7.81
N LYS A 107 12.86 -8.35 -8.56
CA LYS A 107 11.58 -8.82 -8.04
C LYS A 107 11.53 -10.34 -7.95
N ALA A 108 12.24 -11.04 -8.84
CA ALA A 108 12.24 -12.50 -8.76
C ALA A 108 12.98 -12.95 -7.51
N ASP A 109 14.10 -12.32 -7.22
CA ASP A 109 14.84 -12.66 -6.01
C ASP A 109 14.00 -12.35 -4.78
N TYR A 110 13.24 -11.26 -4.84
CA TYR A 110 12.40 -10.83 -3.72
C TYR A 110 11.26 -11.82 -3.51
N ILE A 111 10.48 -12.07 -4.56
CA ILE A 111 9.38 -13.04 -4.49
C ILE A 111 9.90 -14.41 -4.12
N TYR A 112 10.94 -14.90 -4.80
CA TYR A 112 11.45 -16.23 -4.47
C TYR A 112 11.95 -16.30 -3.04
N GLY A 113 12.54 -15.21 -2.54
CA GLY A 113 12.95 -15.18 -1.15
C GLY A 113 11.79 -15.32 -0.19
N ILE A 114 10.64 -14.74 -0.52
CA ILE A 114 9.49 -14.87 0.37
C ILE A 114 8.97 -16.30 0.34
N LEU A 115 8.91 -16.90 -0.85
CA LEU A 115 8.41 -18.27 -0.99
C LEU A 115 9.29 -19.26 -0.25
N ALA A 116 10.56 -19.36 -0.63
CA ALA A 116 11.45 -20.28 0.04
C ALA A 116 11.55 -20.02 1.53
N HIS A 117 11.22 -18.81 1.98
CA HIS A 117 11.15 -18.54 3.42
C HIS A 117 9.92 -19.21 4.02
N LEU A 118 8.74 -18.96 3.43
CA LEU A 118 7.53 -19.63 3.88
C LEU A 118 7.72 -21.14 3.94
N GLN A 119 8.34 -21.71 2.91
CA GLN A 119 8.45 -23.17 2.84
C GLN A 119 9.36 -23.72 3.93
N GLU A 120 10.50 -23.06 4.15
CA GLU A 120 11.46 -23.62 5.10
C GLU A 120 10.97 -23.45 6.53
N HIS A 121 10.32 -22.33 6.82
CA HIS A 121 9.97 -21.99 8.20
C HIS A 121 8.48 -22.22 8.52
N HIS A 122 7.67 -22.59 7.52
CA HIS A 122 6.28 -22.92 7.76
C HIS A 122 5.86 -24.21 7.08
N GLY A 123 6.75 -24.88 6.35
CA GLY A 123 6.38 -26.08 5.63
C GLY A 123 5.39 -25.87 4.50
N GLY A 124 5.13 -24.62 4.13
CA GLY A 124 4.11 -24.35 3.14
C GLY A 124 4.07 -22.89 2.74
N LEU A 125 3.46 -22.65 1.58
CA LEU A 125 3.44 -21.33 0.96
C LEU A 125 2.08 -20.66 1.04
N SER A 126 1.56 -20.46 2.24
CA SER A 126 0.24 -19.89 2.38
C SER A 126 0.26 -18.86 3.50
N LEU A 127 -0.43 -17.73 3.28
CA LEU A 127 -0.55 -16.76 4.35
C LEU A 127 -1.94 -16.75 4.98
N ARG A 128 -2.70 -17.85 4.80
CA ARG A 128 -4.08 -17.89 5.27
C ARG A 128 -4.17 -17.72 6.78
N PHE A 129 -3.14 -18.14 7.51
CA PHE A 129 -3.15 -17.98 8.96
C PHE A 129 -3.28 -16.52 9.39
N LEU A 130 -2.90 -15.58 8.50
CA LEU A 130 -3.05 -14.16 8.81
C LEU A 130 -4.51 -13.79 9.03
N ARG A 131 -5.43 -14.51 8.38
CA ARG A 131 -6.85 -14.20 8.51
C ARG A 131 -7.41 -14.61 9.86
N GLU A 132 -6.72 -15.47 10.60
CA GLU A 132 -7.26 -16.05 11.82
C GLU A 132 -6.97 -15.21 13.06
N PHE A 133 -6.01 -14.29 13.02
CA PHE A 133 -5.76 -13.44 14.17
C PHE A 133 -7.04 -12.71 14.56
N PRO A 134 -7.23 -12.44 15.85
CA PRO A 134 -8.41 -11.66 16.26
C PRO A 134 -8.43 -10.30 15.60
N HIS A 135 -9.63 -9.80 15.37
CA HIS A 135 -9.78 -8.44 14.85
C HIS A 135 -9.81 -7.41 15.98
N THR A 136 -8.88 -7.54 16.91
CA THR A 136 -8.64 -6.63 18.02
C THR A 136 -7.41 -5.79 17.74
N PRO A 137 -7.11 -4.78 18.56
CA PRO A 137 -5.84 -4.07 18.38
C PRO A 137 -4.63 -5.00 18.43
N GLU A 138 -4.62 -5.97 19.36
CA GLU A 138 -3.49 -6.89 19.45
C GLU A 138 -3.39 -7.77 18.21
N GLY A 139 -4.52 -8.30 17.74
CA GLY A 139 -4.50 -9.24 16.62
C GLY A 139 -4.06 -8.59 15.31
N HIS A 140 -4.50 -7.35 15.08
CA HIS A 140 -3.99 -6.61 13.94
C HIS A 140 -2.48 -6.45 14.01
N GLU A 141 -1.97 -6.13 15.20
CA GLU A 141 -0.53 -6.01 15.39
C GLU A 141 0.16 -7.36 15.19
N GLN A 142 -0.51 -8.45 15.55
CA GLN A 142 0.05 -9.78 15.29
C GLN A 142 0.21 -10.00 13.78
N ALA A 143 -0.80 -9.64 13.00
CA ALA A 143 -0.71 -9.84 11.56
C ALA A 143 0.33 -8.92 10.95
N ARG A 144 0.39 -7.69 11.47
CA ARG A 144 1.44 -6.74 11.05
C ARG A 144 2.82 -7.33 11.31
N GLN A 145 3.04 -7.85 12.51
CA GLN A 145 4.35 -8.40 12.84
C GLN A 145 4.68 -9.58 11.93
N ALA A 146 3.69 -10.43 11.62
CA ALA A 146 3.95 -11.63 10.84
C ALA A 146 4.35 -11.28 9.40
N LEU A 147 3.67 -10.29 8.82
CA LEU A 147 4.06 -9.79 7.50
C LEU A 147 5.46 -9.18 7.55
N ALA A 148 5.76 -8.44 8.63
CA ALA A 148 7.05 -7.76 8.75
C ALA A 148 8.22 -8.72 8.89
N ALA A 149 7.99 -9.95 9.37
CA ALA A 149 9.07 -10.92 9.44
C ALA A 149 9.49 -11.45 8.09
N LEU A 150 8.82 -11.05 7.01
CA LEU A 150 9.15 -11.64 5.71
C LEU A 150 10.31 -10.89 5.06
N PRO A 151 11.26 -11.64 4.49
CA PRO A 151 12.48 -11.00 3.96
C PRO A 151 12.18 -10.05 2.82
N GLY A 152 12.47 -8.75 3.05
CA GLY A 152 12.36 -7.73 2.04
C GLY A 152 11.09 -6.90 2.08
N VAL A 153 10.16 -7.22 2.98
CA VAL A 153 8.84 -6.61 3.02
C VAL A 153 8.89 -5.44 3.99
N GLY A 154 8.76 -4.21 3.47
CA GLY A 154 8.84 -3.02 4.30
C GLY A 154 7.48 -2.55 4.74
N HIS A 155 7.48 -1.49 5.56
CA HIS A 155 6.25 -1.07 6.23
C HIS A 155 5.14 -0.72 5.23
N LYS A 156 5.50 -0.10 4.09
CA LYS A 156 4.47 0.24 3.12
C LYS A 156 3.76 -1.00 2.62
N THR A 157 4.53 -2.07 2.34
CA THR A 157 3.94 -3.28 1.79
C THR A 157 3.14 -4.03 2.86
N VAL A 158 3.61 -4.01 4.11
CA VAL A 158 2.82 -4.57 5.23
C VAL A 158 1.45 -3.92 5.29
N ALA A 159 1.41 -2.58 5.27
CA ALA A 159 0.12 -1.88 5.42
C ALA A 159 -0.78 -2.14 4.22
N LEU A 160 -0.21 -2.22 3.02
CA LEU A 160 -1.03 -2.50 1.85
C LEU A 160 -1.69 -3.86 1.96
N VAL A 161 -0.96 -4.87 2.43
CA VAL A 161 -1.54 -6.20 2.50
C VAL A 161 -2.57 -6.28 3.62
N LEU A 162 -2.29 -5.61 4.75
CA LEU A 162 -3.30 -5.54 5.81
C LEU A 162 -4.58 -4.89 5.30
N LEU A 163 -4.47 -3.76 4.60
CA LEU A 163 -5.66 -3.05 4.14
C LEU A 163 -6.37 -3.78 3.01
N PHE A 164 -5.63 -4.19 1.98
CA PHE A 164 -6.26 -4.72 0.77
C PHE A 164 -6.65 -6.18 0.92
N ASP A 165 -5.83 -6.99 1.58
CA ASP A 165 -6.06 -8.42 1.57
C ASP A 165 -6.73 -8.96 2.82
N LEU A 166 -6.60 -8.28 3.96
CA LEU A 166 -7.08 -8.84 5.21
C LEU A 166 -8.20 -8.06 5.86
N ARG A 167 -8.66 -6.97 5.26
CA ARG A 167 -9.70 -6.13 5.84
C ARG A 167 -9.35 -5.71 7.27
N ARG A 168 -8.08 -5.40 7.51
CA ARG A 168 -7.65 -4.91 8.81
C ARG A 168 -7.28 -3.45 8.71
N PRO A 169 -7.59 -2.65 9.73
CA PRO A 169 -7.55 -1.19 9.60
C PRO A 169 -6.15 -0.59 9.64
N ALA A 170 -5.25 -1.12 8.82
CA ALA A 170 -3.98 -0.45 8.59
C ALA A 170 -4.21 0.84 7.81
N MET A 171 -3.14 1.62 7.66
CA MET A 171 -3.26 2.94 7.05
C MET A 171 -2.09 3.19 6.09
N PRO A 172 -2.01 2.42 5.01
CA PRO A 172 -0.95 2.65 4.02
C PRO A 172 -1.09 4.02 3.39
N VAL A 173 0.02 4.73 3.27
CA VAL A 173 0.04 6.04 2.65
C VAL A 173 1.01 5.98 1.48
N ASP A 174 0.52 6.31 0.31
CA ASP A 174 1.31 6.21 -0.90
C ASP A 174 2.20 7.43 -1.02
N THR A 175 3.30 7.28 -1.77
CA THR A 175 4.19 8.40 -2.00
C THR A 175 3.42 9.61 -2.50
N HIS A 176 2.45 9.39 -3.39
CA HIS A 176 1.69 10.52 -3.92
C HIS A 176 0.89 11.20 -2.81
N MET A 177 0.29 10.40 -1.92
CA MET A 177 -0.49 10.96 -0.83
C MET A 177 0.40 11.69 0.17
N GLU A 178 1.55 11.10 0.50
CA GLU A 178 2.50 11.76 1.38
C GLU A 178 2.92 13.13 0.85
N ARG A 179 3.20 13.21 -0.46
CA ARG A 179 3.64 14.47 -1.04
C ARG A 179 2.56 15.54 -0.89
N ALA A 180 1.30 15.15 -1.02
CA ALA A 180 0.21 16.10 -0.86
C ALA A 180 0.06 16.51 0.61
N ALA A 181 0.08 15.53 1.52
CA ALA A 181 -0.02 15.84 2.95
C ALA A 181 1.05 16.82 3.40
N LYS A 182 2.25 16.73 2.81
CA LYS A 182 3.31 17.66 3.16
C LYS A 182 3.08 19.03 2.54
N ARG A 183 2.64 19.07 1.28
CA ARG A 183 2.23 20.34 0.71
C ARG A 183 1.07 20.96 1.49
N LEU A 184 0.22 20.14 2.08
CA LEU A 184 -0.83 20.64 2.96
C LEU A 184 -0.31 21.00 4.34
N GLU A 185 0.96 20.70 4.60
CA GLU A 185 1.55 20.79 5.94
C GLU A 185 0.69 20.11 7.00
N LEU A 186 -0.06 19.07 6.59
CA LEU A 186 -0.63 18.15 7.58
C LEU A 186 0.48 17.53 8.41
N VAL A 187 1.62 17.26 7.78
CA VAL A 187 2.79 16.67 8.43
C VAL A 187 4.03 17.41 7.96
N PRO A 188 5.08 17.44 8.79
CA PRO A 188 6.27 18.24 8.44
C PRO A 188 7.16 17.50 7.45
N ALA A 189 8.04 18.27 6.80
CA ALA A 189 8.93 17.67 5.82
C ALA A 189 9.94 16.72 6.47
N ALA A 190 10.29 16.96 7.74
CA ALA A 190 11.26 16.12 8.44
C ALA A 190 10.86 14.65 8.44
N TRP A 191 9.58 14.37 8.40
CA TRP A 191 9.11 13.02 8.68
C TRP A 191 9.27 12.11 7.46
N ASN A 192 9.88 10.95 7.68
CA ASN A 192 10.00 9.94 6.64
C ASN A 192 8.66 9.23 6.46
N SER A 193 8.63 8.29 5.50
CA SER A 193 7.38 7.62 5.15
C SER A 193 6.79 6.85 6.33
N HIS A 194 7.65 6.22 7.12
CA HIS A 194 7.09 5.41 8.20
C HIS A 194 6.43 6.28 9.27
N LYS A 195 6.93 7.49 9.49
CA LYS A 195 6.31 8.39 10.45
C LYS A 195 4.99 8.94 9.93
N VAL A 196 4.94 9.29 8.64
CA VAL A 196 3.70 9.77 8.04
C VAL A 196 2.62 8.70 8.19
N GLU A 197 3.00 7.44 7.98
CA GLU A 197 2.04 6.35 8.15
C GLU A 197 1.55 6.28 9.59
N ARG A 198 2.47 6.35 10.55
CA ARG A 198 2.09 6.29 11.96
C ARG A 198 1.17 7.45 12.35
N TRP A 199 1.46 8.66 11.87
CA TRP A 199 0.63 9.81 12.18
C TRP A 199 -0.80 9.62 11.68
N TYR A 200 -0.96 9.19 10.42
CA TYR A 200 -2.29 8.94 9.89
C TYR A 200 -3.01 7.87 10.70
N ALA A 201 -2.31 6.80 11.08
CA ALA A 201 -2.89 5.73 11.88
C ALA A 201 -3.31 6.20 13.26
N GLU A 202 -2.72 7.29 13.76
CA GLU A 202 -3.14 7.88 15.03
C GLU A 202 -4.30 8.84 14.84
N VAL A 203 -4.28 9.67 13.81
CA VAL A 203 -5.36 10.63 13.66
C VAL A 203 -6.63 10.01 13.08
N MET A 204 -6.56 8.80 12.49
CA MET A 204 -7.72 8.28 11.79
C MET A 204 -8.59 7.40 12.67
N PRO A 205 -9.90 7.43 12.46
CA PRO A 205 -10.76 6.39 13.06
C PRO A 205 -10.30 5.02 12.60
N ALA A 206 -10.37 4.05 13.51
CA ALA A 206 -9.87 2.72 13.22
C ALA A 206 -10.93 1.86 12.54
N ASP A 207 -11.44 2.34 11.41
CA ASP A 207 -12.49 1.69 10.66
C ASP A 207 -11.92 1.31 9.30
N TRP A 208 -11.98 0.01 8.97
CA TRP A 208 -11.36 -0.45 7.72
C TRP A 208 -11.84 0.39 6.56
N GLU A 209 -13.16 0.60 6.45
CA GLU A 209 -13.70 1.25 5.26
C GLU A 209 -13.17 2.67 5.12
N THR A 210 -13.22 3.44 6.21
CA THR A 210 -12.77 4.82 6.14
C THR A 210 -11.30 4.91 5.75
N ARG A 211 -10.47 4.01 6.27
CA ARG A 211 -9.05 4.04 5.92
C ARG A 211 -8.84 3.60 4.48
N PHE A 212 -9.59 2.58 4.05
CA PHE A 212 -9.60 2.17 2.65
C PHE A 212 -10.00 3.33 1.75
N ALA A 213 -11.05 4.06 2.13
CA ALA A 213 -11.48 5.20 1.36
C ALA A 213 -10.42 6.29 1.31
N LEU A 214 -9.67 6.47 2.39
CA LEU A 214 -8.65 7.51 2.38
C LEU A 214 -7.48 7.13 1.48
N HIS A 215 -6.99 5.89 1.62
CA HIS A 215 -5.86 5.44 0.83
C HIS A 215 -6.14 5.57 -0.66
N ILE A 216 -7.31 5.09 -1.10
CA ILE A 216 -7.68 5.12 -2.51
C ILE A 216 -7.87 6.54 -2.99
N SER A 217 -8.62 7.34 -2.23
CA SER A 217 -8.86 8.73 -2.61
C SER A 217 -7.57 9.55 -2.52
N GLY A 218 -6.75 9.27 -1.52
CA GLY A 218 -5.52 10.05 -1.35
C GLY A 218 -4.52 9.81 -2.47
N VAL A 219 -4.44 8.57 -2.97
CA VAL A 219 -3.55 8.25 -4.08
C VAL A 219 -3.99 8.96 -5.36
N ARG A 220 -5.27 8.84 -5.69
CA ARG A 220 -5.80 9.47 -6.89
C ARG A 220 -5.59 10.97 -6.85
N HIS A 221 -5.81 11.59 -5.68
CA HIS A 221 -5.59 13.02 -5.58
C HIS A 221 -4.12 13.36 -5.80
N GLY A 222 -3.21 12.65 -5.13
CA GLY A 222 -1.80 13.00 -5.23
C GLY A 222 -1.23 12.69 -6.60
N ARG A 223 -1.69 11.59 -7.21
CA ARG A 223 -1.28 11.22 -8.56
C ARG A 223 -1.92 12.12 -9.61
N ASP A 224 -3.25 12.32 -9.54
CA ASP A 224 -3.94 12.99 -10.64
C ASP A 224 -4.01 14.51 -10.49
N THR A 225 -4.01 15.03 -9.28
CA THR A 225 -4.17 16.46 -9.06
C THR A 225 -2.91 17.12 -8.54
N CYS A 226 -2.33 16.56 -7.49
CA CYS A 226 -1.20 17.18 -6.81
C CYS A 226 0.12 16.56 -7.28
N ARG A 227 0.33 16.65 -8.60
CA ARG A 227 1.47 16.03 -9.26
C ARG A 227 2.79 16.58 -8.72
N SER A 228 3.82 15.74 -8.76
CA SER A 228 5.15 16.11 -8.26
C SER A 228 5.66 17.38 -8.93
N LYS A 229 5.71 17.38 -10.25
CA LYS A 229 5.93 18.61 -11.01
C LYS A 229 4.56 19.18 -11.39
N HIS A 230 4.44 20.49 -11.34
CA HIS A 230 3.22 21.18 -11.77
C HIS A 230 1.94 20.60 -11.15
N PRO A 231 1.73 20.73 -9.84
CA PRO A 231 0.45 20.29 -9.28
C PRO A 231 -0.70 21.10 -9.84
N LEU A 232 -1.89 20.53 -9.78
CA LEU A 232 -3.09 21.19 -10.32
C LEU A 232 -3.85 21.91 -9.22
N CYS A 233 -3.13 22.70 -8.42
CA CYS A 233 -3.68 23.48 -7.31
C CYS A 233 -5.02 24.13 -7.58
N PRO A 234 -5.29 24.73 -8.75
CA PRO A 234 -6.59 25.37 -8.96
C PRO A 234 -7.76 24.41 -9.06
N GLN A 235 -7.52 23.13 -9.36
CA GLN A 235 -8.57 22.12 -9.38
C GLN A 235 -8.59 21.29 -8.10
N CYS A 236 -7.76 21.64 -7.13
CA CYS A 236 -7.71 20.97 -5.83
C CYS A 236 -8.99 21.24 -5.07
N PRO A 237 -9.73 20.22 -4.64
CA PRO A 237 -10.83 20.49 -3.70
C PRO A 237 -10.31 20.97 -2.36
N LEU A 238 -9.04 20.72 -2.09
CA LEU A 238 -8.38 21.11 -0.85
C LEU A 238 -7.69 22.46 -0.97
N ARG A 239 -8.12 23.29 -1.92
CA ARG A 239 -7.36 24.49 -2.27
C ARG A 239 -7.44 25.53 -1.15
N GLU A 240 -8.63 25.74 -0.61
CA GLU A 240 -8.83 26.71 0.46
C GLU A 240 -8.08 26.33 1.73
N PHE A 241 -7.54 25.13 1.80
CA PHE A 241 -6.84 24.66 2.98
C PHE A 241 -5.33 24.64 2.83
N CYS A 242 -4.82 24.63 1.59
CA CYS A 242 -3.43 24.28 1.39
C CYS A 242 -2.55 25.53 1.43
N PRO A 243 -1.56 25.59 2.31
CA PRO A 243 -0.60 26.70 2.25
C PRO A 243 0.20 26.70 0.97
N SER A 244 0.46 25.52 0.38
CA SER A 244 1.34 25.41 -0.77
C SER A 244 0.71 25.90 -2.07
N ALA A 245 -0.61 26.08 -2.12
CA ALA A 245 -1.25 26.53 -3.36
C ALA A 245 -0.70 27.87 -3.85
N SER A 246 -0.34 28.76 -2.92
CA SER A 246 0.13 30.09 -3.31
C SER A 246 1.50 30.02 -3.99
N ILE A 247 2.39 29.16 -3.48
CA ILE A 247 3.70 28.99 -4.11
C ILE A 247 3.53 28.52 -5.56
N PHE A 248 2.69 27.52 -5.79
CA PHE A 248 2.52 26.98 -7.14
C PHE A 248 1.74 27.93 -8.02
N GLU A 249 0.61 28.44 -7.54
CA GLU A 249 -0.15 29.43 -8.30
C GLU A 249 0.56 30.78 -8.23
#